data_6AQ7
#
_entry.id   6AQ7
#
_cell.length_a   72.040
_cell.length_b   82.420
_cell.length_c   103.700
_cell.angle_alpha   90.00
_cell.angle_beta   90.00
_cell.angle_gamma   90.00
#
_symmetry.space_group_name_H-M   'P 2 21 21'
#
loop_
_entity.id
_entity.type
_entity.pdbx_description
1 polymer 'Major prion protein'
2 polymer 'POM6 FAB Heavy CHAIN'
3 polymer 'POM6 FAB light CHAIN'
4 non-polymer GLYCEROL
5 non-polymer "3,3',3''-phosphanetriyltripropanoic acid"
6 water water
#
loop_
_entity_poly.entity_id
_entity_poly.type
_entity_poly.pdbx_seq_one_letter_code
_entity_poly.pdbx_strand_id
1 'polypeptide(L)'
;MGSSHHHHHHSSGLVPRGSHMGGYMLGSAMSRPMIHFGNDWEDRYYRENMYRYPNQVYYRPVDQYSNQNNFVHDCVNITI
KQHTVTTTTKGENFTETDVKMMERVVEQMCVTQYQKESQAYY
;
A
2 'polypeptide(L)'
;VKLQESGPQLVRPGSSVKISCKASGYSFTGYFMHWVRQTRVKSLEWIGRINPYNGNTNYNKIFKKKATLTVDKSSSTAYM
QLNSLTSDDSAVYFCARSQDAWDYWGQGVTITVSSAKTTPPSVYPLAPSAAAANSMVTLGCLVKGYFPEPVTVTWNSGSL
SGGVHTFPAVLQSDLYTLSSSVTVPSSTWPSETITCNVAHPASSTKVDKKIVPR
;
H
3 'polypeptide(L)'
;DIVMTQSPAVLATSNGERATITCKASMSVSTSTYSYMDWYQQKPGQPPKLLIKKASNNETGVPARFSGSGTKKDFTLTIH
PVQQEDVSTYYCQHSWQTPLTFGAGTVLELKRADAAPTVSIFPPSSEQLTSGGASVVCFLNNFYPKDINVKWKIDGSERQ
NGVLNSETDQDSKDSTYSMSSTLTLTKDEYERHNSYTCEATHKTSTSPIVKSFNRA
;
L
#
loop_
_chem_comp.id
_chem_comp.type
_chem_comp.name
_chem_comp.formula
GOL non-polymer GLYCEROL 'C3 H8 O3'
TCE non-polymer '3,3',3''-phosphanetriyltripropanoic acid' 'C9 H15 O6 P'
#
# COMPACT_ATOMS: atom_id res chain seq x y z
N GLY A 22 -44.30 8.16 2.56
CA GLY A 22 -44.82 7.20 1.60
C GLY A 22 -45.47 6.01 2.27
N GLY A 23 -46.49 6.28 3.06
CA GLY A 23 -46.98 5.31 4.01
C GLY A 23 -46.18 5.28 5.29
N TYR A 24 -45.39 6.31 5.54
CA TYR A 24 -44.58 6.41 6.74
C TYR A 24 -45.18 7.45 7.66
N MET A 25 -45.22 7.13 8.94
CA MET A 25 -45.61 8.11 9.94
C MET A 25 -44.36 8.70 10.59
N LEU A 26 -44.53 9.86 11.19
CA LEU A 26 -43.47 10.52 11.95
C LEU A 26 -43.88 10.47 13.41
N GLY A 27 -43.05 9.84 14.24
CA GLY A 27 -43.34 9.75 15.64
C GLY A 27 -43.05 11.05 16.36
N SER A 28 -43.54 11.13 17.60
CA SER A 28 -43.25 12.29 18.42
C SER A 28 -41.75 12.42 18.67
N ALA A 29 -41.30 13.67 18.86
CA ALA A 29 -39.94 13.89 19.32
C ALA A 29 -39.71 13.15 20.63
N MET A 30 -38.45 12.76 20.88
CA MET A 30 -38.13 12.03 22.08
C MET A 30 -36.73 12.43 22.52
N SER A 31 -36.41 12.12 23.77
CA SER A 31 -35.05 12.30 24.24
C SER A 31 -34.11 11.52 23.35
N ARG A 32 -33.02 12.15 22.93
CA ARG A 32 -31.95 11.40 22.28
C ARG A 32 -31.16 10.60 23.31
N PRO A 33 -31.01 9.29 23.14
CA PRO A 33 -30.28 8.50 24.14
C PRO A 33 -28.84 8.98 24.28
N MET A 34 -28.33 8.91 25.50
CA MET A 34 -26.94 9.21 25.79
C MET A 34 -26.14 7.93 25.58
N ILE A 35 -25.26 7.94 24.58
CA ILE A 35 -24.46 6.75 24.27
C ILE A 35 -23.07 6.90 24.86
N HIS A 36 -22.57 5.81 25.43
CA HIS A 36 -21.17 5.68 25.81
C HIS A 36 -20.48 4.80 24.78
N PHE A 37 -19.41 5.30 24.19
CA PHE A 37 -18.71 4.58 23.14
C PHE A 37 -17.48 3.84 23.65
N GLY A 38 -17.10 4.01 24.92
CA GLY A 38 -15.91 3.38 25.44
C GLY A 38 -14.60 4.10 25.18
N ASN A 39 -14.65 5.30 24.58
CA ASN A 39 -13.45 6.11 24.43
C ASN A 39 -13.84 7.58 24.48
N ASP A 40 -12.94 8.40 25.02
CA ASP A 40 -13.30 9.78 25.34
C ASP A 40 -13.57 10.63 24.10
N TRP A 41 -12.87 10.36 22.98
CA TRP A 41 -13.05 11.17 21.79
C TRP A 41 -14.47 11.06 21.26
N GLU A 42 -14.91 9.83 20.98
CA GLU A 42 -16.28 9.62 20.52
C GLU A 42 -17.29 10.12 21.53
N ASP A 43 -17.09 9.83 22.82
CA ASP A 43 -18.01 10.30 23.85
C ASP A 43 -18.20 11.82 23.77
N ARG A 44 -17.10 12.56 23.71
CA ARG A 44 -17.19 14.02 23.64
C ARG A 44 -17.77 14.46 22.30
N TYR A 45 -17.30 13.88 21.20
CA TYR A 45 -17.84 14.26 19.91
C TYR A 45 -19.36 14.08 19.88
N TYR A 46 -19.84 12.94 20.37
CA TYR A 46 -21.28 12.69 20.37
C TYR A 46 -22.03 13.69 21.24
N ARG A 47 -21.55 13.93 22.46
CA ARG A 47 -22.24 14.89 23.31
C ARG A 47 -22.33 16.25 22.64
N GLU A 48 -21.27 16.67 21.98
CA GLU A 48 -21.22 18.00 21.39
C GLU A 48 -22.03 18.11 20.10
N ASN A 49 -22.35 17.00 19.45
CA ASN A 49 -22.95 17.05 18.13
C ASN A 49 -24.34 16.45 18.05
N MET A 50 -24.83 15.83 19.11
CA MET A 50 -26.07 15.08 19.01
C MET A 50 -27.27 15.98 18.72
N TYR A 51 -27.16 17.28 18.96
CA TYR A 51 -28.25 18.20 18.59
C TYR A 51 -28.50 18.25 17.09
N ARG A 52 -27.54 17.79 16.29
CA ARG A 52 -27.64 17.77 14.84
C ARG A 52 -28.36 16.54 14.30
N TYR A 53 -28.62 15.57 15.16
CA TYR A 53 -29.12 14.26 14.78
C TYR A 53 -30.63 14.20 14.97
N PRO A 54 -31.31 13.22 14.38
CA PRO A 54 -32.77 13.17 14.52
C PRO A 54 -33.21 12.99 15.97
N ASN A 55 -34.40 13.51 16.28
CA ASN A 55 -35.02 13.19 17.56
C ASN A 55 -36.46 12.72 17.39
N GLN A 56 -36.86 12.38 16.16
CA GLN A 56 -38.06 11.65 15.87
C GLN A 56 -37.77 10.75 14.68
N VAL A 57 -38.53 9.67 14.56
CA VAL A 57 -38.23 8.65 13.58
C VAL A 57 -39.42 8.45 12.66
N TYR A 58 -39.12 8.08 11.42
CA TYR A 58 -40.12 7.64 10.47
C TYR A 58 -40.28 6.13 10.60
N TYR A 59 -41.54 5.68 10.56
CA TYR A 59 -41.84 4.28 10.72
C TYR A 59 -43.12 3.97 9.95
N ARG A 60 -43.27 2.74 9.56
CA ARG A 60 -44.54 2.20 9.10
C ARG A 60 -45.23 1.48 10.25
N PRO A 61 -46.54 1.28 10.18
CA PRO A 61 -47.22 0.51 11.23
C PRO A 61 -46.55 -0.84 11.42
N VAL A 62 -46.52 -1.31 12.68
CA VAL A 62 -45.87 -2.59 12.99
C VAL A 62 -46.47 -3.70 12.16
N ASP A 63 -47.79 -3.67 11.93
CA ASP A 63 -48.50 -4.72 11.20
C ASP A 63 -48.02 -4.89 9.77
N GLN A 64 -47.05 -4.10 9.30
CA GLN A 64 -46.48 -4.27 7.98
C GLN A 64 -45.10 -4.91 8.01
N TYR A 65 -44.65 -5.38 9.18
CA TYR A 65 -43.33 -5.97 9.34
C TYR A 65 -43.46 -7.35 9.97
N SER A 66 -42.53 -8.24 9.60
CA SER A 66 -42.55 -9.60 10.10
C SER A 66 -42.17 -9.65 11.57
N ASN A 67 -41.22 -8.82 12.00
CA ASN A 67 -40.69 -8.86 13.36
C ASN A 67 -40.13 -7.49 13.72
N GLN A 68 -39.54 -7.41 14.91
CA GLN A 68 -39.05 -6.12 15.38
C GLN A 68 -37.80 -5.68 14.63
N ASN A 69 -36.90 -6.62 14.33
CA ASN A 69 -35.68 -6.29 13.60
C ASN A 69 -36.00 -5.63 12.26
N ASN A 70 -36.99 -6.15 11.53
CA ASN A 70 -37.34 -5.55 10.24
C ASN A 70 -37.93 -4.16 10.42
N PHE A 71 -38.80 -3.99 11.42
CA PHE A 71 -39.34 -2.67 11.71
C PHE A 71 -38.21 -1.68 11.96
N VAL A 72 -37.23 -2.10 12.75
CA VAL A 72 -36.17 -1.21 13.21
C VAL A 72 -35.24 -0.83 12.06
N HIS A 73 -34.85 -1.81 11.24
CA HIS A 73 -33.90 -1.51 10.17
C HIS A 73 -34.52 -0.58 9.14
N ASP A 74 -35.77 -0.85 8.75
CA ASP A 74 -36.48 0.06 7.87
C ASP A 74 -36.57 1.45 8.49
N CYS A 75 -36.91 1.52 9.79
CA CYS A 75 -37.02 2.79 10.48
C CYS A 75 -35.68 3.55 10.47
N VAL A 76 -34.57 2.87 10.72
CA VAL A 76 -33.28 3.54 10.78
C VAL A 76 -32.96 4.16 9.43
N ASN A 77 -33.10 3.37 8.36
CA ASN A 77 -32.62 3.79 7.05
C ASN A 77 -33.49 4.89 6.47
N ILE A 78 -34.81 4.84 6.70
CA ILE A 78 -35.66 5.91 6.19
C ILE A 78 -35.45 7.18 6.99
N THR A 79 -35.30 7.06 8.30
CA THR A 79 -35.13 8.25 9.13
C THR A 79 -33.83 8.98 8.78
N ILE A 80 -32.72 8.25 8.69
CA ILE A 80 -31.43 8.86 8.37
C ILE A 80 -31.44 9.43 6.96
N LYS A 81 -31.99 8.69 6.00
CA LYS A 81 -32.05 9.19 4.63
C LYS A 81 -32.84 10.50 4.55
N GLN A 82 -34.02 10.54 5.18
CA GLN A 82 -34.82 11.75 5.12
C GLN A 82 -34.14 12.89 5.87
N HIS A 83 -33.49 12.57 7.01
CA HIS A 83 -32.78 13.59 7.78
C HIS A 83 -31.63 14.18 6.99
N THR A 84 -30.88 13.31 6.28
CA THR A 84 -29.78 13.79 5.45
C THR A 84 -30.27 14.72 4.35
N VAL A 85 -31.38 14.36 3.70
CA VAL A 85 -31.90 15.15 2.59
C VAL A 85 -32.35 16.52 3.06
N THR A 86 -33.21 16.57 4.09
CA THR A 86 -33.76 17.86 4.49
C THR A 86 -32.71 18.75 5.15
N THR A 87 -31.75 18.19 5.88
CA THR A 87 -30.75 19.06 6.47
C THR A 87 -29.73 19.53 5.44
N THR A 88 -29.50 18.75 4.38
CA THR A 88 -28.57 19.15 3.33
C THR A 88 -29.02 20.46 2.67
N THR A 89 -30.33 20.60 2.43
CA THR A 89 -30.84 21.85 1.88
C THR A 89 -30.53 23.04 2.77
N LYS A 90 -30.28 22.82 4.06
CA LYS A 90 -29.97 23.94 4.93
C LYS A 90 -28.47 24.13 5.07
N GLY A 91 -27.66 23.34 4.35
CA GLY A 91 -26.22 23.46 4.42
C GLY A 91 -25.53 22.48 5.35
N GLU A 92 -26.25 21.53 5.94
CA GLU A 92 -25.62 20.57 6.83
C GLU A 92 -24.60 19.73 6.06
N ASN A 93 -23.57 19.28 6.76
CA ASN A 93 -22.56 18.37 6.21
C ASN A 93 -22.32 17.29 7.25
N PHE A 94 -22.67 16.05 6.93
CA PHE A 94 -22.46 14.91 7.82
C PHE A 94 -21.32 14.07 7.24
N THR A 95 -20.37 13.72 8.11
CA THR A 95 -19.28 12.84 7.70
C THR A 95 -19.59 11.41 8.15
N GLU A 96 -18.64 10.49 7.91
CA GLU A 96 -18.89 9.09 8.21
C GLU A 96 -19.09 8.87 9.71
N THR A 97 -18.35 9.61 10.53
CA THR A 97 -18.53 9.50 11.98
C THR A 97 -19.96 9.85 12.36
N ASP A 98 -20.49 10.94 11.79
CA ASP A 98 -21.88 11.30 12.04
C ASP A 98 -22.84 10.19 11.63
N VAL A 99 -22.64 9.63 10.44
CA VAL A 99 -23.57 8.62 9.97
C VAL A 99 -23.55 7.40 10.88
N LYS A 100 -22.36 6.97 11.31
CA LYS A 100 -22.32 5.77 12.15
C LYS A 100 -22.86 6.06 13.54
N MET A 101 -22.70 7.29 14.03
CA MET A 101 -23.32 7.65 15.31
C MET A 101 -24.84 7.74 15.18
N MET A 102 -25.32 8.33 14.09
CA MET A 102 -26.76 8.36 13.82
C MET A 102 -27.33 6.95 13.70
N GLU A 103 -26.62 6.04 13.05
CA GLU A 103 -27.13 4.68 12.97
C GLU A 103 -27.30 4.09 14.37
N ARG A 104 -26.38 4.40 15.27
CA ARG A 104 -26.49 3.84 16.60
C ARG A 104 -27.59 4.50 17.41
N VAL A 105 -27.73 5.81 17.34
CA VAL A 105 -28.74 6.48 18.16
C VAL A 105 -30.14 6.30 17.57
N VAL A 106 -30.26 6.32 16.23
CA VAL A 106 -31.59 6.16 15.65
C VAL A 106 -32.08 4.74 15.88
N GLU A 107 -31.16 3.76 15.85
CA GLU A 107 -31.53 2.39 16.16
C GLU A 107 -32.22 2.28 17.52
N GLN A 108 -31.65 2.91 18.55
CA GLN A 108 -32.28 2.88 19.87
C GLN A 108 -33.63 3.60 19.85
N MET A 109 -33.69 4.76 19.19
CA MET A 109 -34.94 5.50 19.11
C MET A 109 -36.00 4.76 18.30
N CYS A 110 -35.58 4.00 17.28
CA CYS A 110 -36.54 3.17 16.56
C CYS A 110 -37.05 2.01 17.42
N VAL A 111 -36.20 1.46 18.28
CA VAL A 111 -36.65 0.45 19.24
C VAL A 111 -37.68 1.05 20.19
N THR A 112 -37.39 2.26 20.69
CA THR A 112 -38.35 2.95 21.56
C THR A 112 -39.68 3.19 20.83
N GLN A 113 -39.61 3.66 19.58
CA GLN A 113 -40.85 3.86 18.81
C GLN A 113 -41.65 2.57 18.70
N TYR A 114 -40.97 1.45 18.39
CA TYR A 114 -41.64 0.15 18.39
C TYR A 114 -42.31 -0.12 19.73
N GLN A 115 -41.62 0.17 20.83
CA GLN A 115 -42.24 -0.07 22.13
C GLN A 115 -43.39 0.89 22.40
N LYS A 116 -43.29 2.15 21.95
CA LYS A 116 -44.43 3.07 22.09
C LYS A 116 -45.65 2.56 21.32
N GLU A 117 -45.44 2.00 20.11
CA GLU A 117 -46.58 1.47 19.38
C GLU A 117 -47.14 0.22 20.07
N SER A 118 -46.28 -0.51 20.78
CA SER A 118 -46.76 -1.66 21.55
C SER A 118 -47.64 -1.21 22.70
N GLN A 119 -47.34 -0.07 23.31
CA GLN A 119 -48.13 0.43 24.42
C GLN A 119 -49.52 0.87 24.01
N ALA A 120 -49.81 1.04 22.71
CA ALA A 120 -51.17 1.36 22.29
C ALA A 120 -52.17 0.31 22.76
N TYR A 121 -51.70 -0.87 23.14
CA TYR A 121 -52.52 -1.88 23.78
C TYR A 121 -52.32 -1.75 25.28
N VAL B 1 -7.85 -6.73 14.23
CA VAL B 1 -8.46 -6.31 12.96
C VAL B 1 -7.62 -6.74 11.78
N LYS B 2 -8.26 -7.40 10.81
CA LYS B 2 -7.58 -7.88 9.62
C LYS B 2 -8.49 -7.74 8.40
N LEU B 3 -7.92 -7.26 7.30
CA LEU B 3 -8.60 -7.24 6.01
C LEU B 3 -7.74 -8.06 5.05
N GLN B 4 -8.31 -9.13 4.51
CA GLN B 4 -7.56 -10.10 3.72
C GLN B 4 -8.14 -10.17 2.31
N GLU B 5 -7.35 -9.76 1.32
CA GLU B 5 -7.81 -9.67 -0.06
C GLU B 5 -7.45 -10.93 -0.84
N SER B 6 -8.19 -11.17 -1.92
CA SER B 6 -7.90 -12.27 -2.81
C SER B 6 -6.62 -12.01 -3.61
N GLY B 7 -6.09 -13.05 -4.27
CA GLY B 7 -4.74 -12.98 -4.81
C GLY B 7 -4.67 -12.21 -6.10
N PRO B 8 -3.44 -12.11 -6.65
CA PRO B 8 -3.24 -11.33 -7.87
C PRO B 8 -3.90 -12.01 -9.05
N GLN B 9 -4.24 -11.22 -10.07
CA GLN B 9 -4.98 -11.73 -11.22
C GLN B 9 -4.43 -11.16 -12.51
N LEU B 10 -4.34 -12.02 -13.52
CA LEU B 10 -4.07 -11.61 -14.90
C LEU B 10 -5.34 -11.82 -15.71
N VAL B 11 -5.81 -10.75 -16.34
CA VAL B 11 -7.09 -10.73 -17.02
C VAL B 11 -6.87 -10.17 -18.42
N ARG B 12 -7.61 -10.70 -19.41
CA ARG B 12 -7.47 -10.19 -20.77
C ARG B 12 -8.23 -8.88 -20.94
N PRO B 13 -7.74 -7.97 -21.77
CA PRO B 13 -8.49 -6.74 -22.05
C PRO B 13 -9.94 -7.04 -22.41
N GLY B 14 -10.86 -6.28 -21.82
CA GLY B 14 -12.28 -6.45 -22.10
C GLY B 14 -13.03 -7.36 -21.15
N SER B 15 -12.35 -8.16 -20.32
CA SER B 15 -13.12 -9.03 -19.46
C SER B 15 -13.27 -8.41 -18.06
N SER B 16 -13.81 -9.18 -17.14
CA SER B 16 -14.22 -8.74 -15.82
C SER B 16 -13.41 -9.46 -14.76
N VAL B 17 -13.43 -8.90 -13.55
CA VAL B 17 -12.78 -9.54 -12.40
C VAL B 17 -13.56 -9.16 -11.15
N LYS B 18 -13.49 -10.03 -10.15
CA LYS B 18 -14.13 -9.80 -8.87
C LYS B 18 -13.08 -10.03 -7.79
N ILE B 19 -12.78 -8.99 -7.01
CA ILE B 19 -11.80 -9.05 -5.93
C ILE B 19 -12.56 -9.04 -4.61
N SER B 20 -12.10 -9.87 -3.67
CA SER B 20 -12.76 -10.00 -2.37
C SER B 20 -11.91 -9.37 -1.28
N CYS B 21 -12.58 -8.97 -0.21
CA CYS B 21 -11.95 -8.37 0.96
C CYS B 21 -12.63 -8.96 2.20
N LYS B 22 -11.99 -9.95 2.83
CA LYS B 22 -12.54 -10.60 4.01
C LYS B 22 -12.12 -9.86 5.27
N ALA B 23 -13.09 -9.30 5.98
CA ALA B 23 -12.86 -8.56 7.22
C ALA B 23 -13.04 -9.46 8.42
N SER B 24 -12.24 -9.22 9.46
CA SER B 24 -12.42 -9.90 10.72
C SER B 24 -11.91 -9.01 11.84
N GLY B 25 -12.38 -9.29 13.06
CA GLY B 25 -11.87 -8.61 14.24
C GLY B 25 -12.60 -7.35 14.64
N TYR B 26 -13.74 -7.06 14.05
CA TYR B 26 -14.50 -5.86 14.40
C TYR B 26 -15.92 -6.01 13.89
N SER B 27 -16.77 -5.05 14.24
CA SER B 27 -18.17 -5.10 13.83
C SER B 27 -18.24 -4.67 12.37
N PHE B 28 -18.47 -5.65 11.48
CA PHE B 28 -18.43 -5.41 10.04
C PHE B 28 -19.33 -4.25 9.62
N THR B 29 -20.56 -4.18 10.15
CA THR B 29 -21.48 -3.13 9.73
C THR B 29 -21.24 -1.80 10.42
N GLY B 30 -20.28 -1.72 11.34
CA GLY B 30 -20.02 -0.47 12.02
C GLY B 30 -19.07 0.48 11.33
N TYR B 31 -18.58 0.15 10.12
CA TYR B 31 -17.60 0.95 9.40
C TYR B 31 -17.90 0.89 7.91
N PHE B 32 -17.66 2.00 7.20
CA PHE B 32 -17.67 1.95 5.75
C PHE B 32 -16.46 1.16 5.23
N MET B 33 -16.57 0.70 3.98
CA MET B 33 -15.44 0.09 3.29
C MET B 33 -15.21 0.83 1.99
N HIS B 34 -13.97 1.30 1.78
CA HIS B 34 -13.58 2.02 0.57
C HIS B 34 -12.69 1.12 -0.28
N TRP B 35 -12.75 1.32 -1.60
CA TRP B 35 -11.87 0.66 -2.54
C TRP B 35 -11.09 1.73 -3.30
N VAL B 36 -9.78 1.54 -3.40
CA VAL B 36 -8.91 2.54 -4.01
C VAL B 36 -7.85 1.76 -4.79
N ARG B 37 -7.32 2.35 -5.85
CA ARG B 37 -6.22 1.70 -6.54
C ARG B 37 -5.01 2.61 -6.57
N GLN B 38 -3.84 1.99 -6.60
CA GLN B 38 -2.59 2.73 -6.67
C GLN B 38 -1.93 2.39 -8.00
N THR B 39 -1.76 3.40 -8.83
CA THR B 39 -1.35 3.26 -10.20
C THR B 39 0.17 3.09 -10.30
N ARG B 40 0.65 2.87 -11.52
CA ARG B 40 2.08 2.83 -11.78
C ARG B 40 2.78 4.11 -11.33
N VAL B 41 2.09 5.25 -11.45
CA VAL B 41 2.62 6.54 -11.03
C VAL B 41 2.58 6.74 -9.52
N LYS B 42 2.05 5.78 -8.76
CA LYS B 42 1.88 5.78 -7.29
C LYS B 42 0.75 6.67 -6.81
N SER B 43 -0.07 7.20 -7.72
CA SER B 43 -1.20 8.01 -7.31
C SER B 43 -2.36 7.11 -6.87
N LEU B 44 -3.14 7.62 -5.93
CA LEU B 44 -4.28 6.89 -5.39
C LEU B 44 -5.56 7.35 -6.08
N GLU B 45 -6.29 6.41 -6.66
CA GLU B 45 -7.51 6.70 -7.40
C GLU B 45 -8.65 5.99 -6.69
N TRP B 46 -9.61 6.77 -6.23
CA TRP B 46 -10.75 6.24 -5.50
C TRP B 46 -11.71 5.54 -6.45
N ILE B 47 -12.22 4.39 -6.04
CA ILE B 47 -13.21 3.65 -6.81
C ILE B 47 -14.61 3.85 -6.27
N GLY B 48 -14.80 3.64 -4.97
CA GLY B 48 -16.09 3.89 -4.37
C GLY B 48 -16.09 3.40 -2.93
N ARG B 49 -17.21 3.62 -2.25
CA ARG B 49 -17.36 3.05 -0.92
C ARG B 49 -18.72 2.37 -0.80
N ILE B 50 -18.80 1.49 0.19
CA ILE B 50 -20.05 0.82 0.52
C ILE B 50 -20.26 0.89 2.02
N ASN B 51 -21.52 1.03 2.44
CA ASN B 51 -21.90 0.93 3.84
C ASN B 51 -22.43 -0.47 4.09
N PRO B 52 -21.69 -1.35 4.77
CA PRO B 52 -22.18 -2.73 4.95
C PRO B 52 -23.50 -2.80 5.72
N TYR B 53 -23.80 -1.77 6.53
CA TYR B 53 -25.02 -1.78 7.33
C TYR B 53 -26.28 -1.90 6.46
N ASN B 54 -26.35 -1.16 5.37
CA ASN B 54 -27.54 -1.14 4.52
C ASN B 54 -27.24 -1.38 3.05
N GLY B 55 -25.99 -1.60 2.68
CA GLY B 55 -25.63 -1.83 1.30
C GLY B 55 -25.49 -0.60 0.43
N ASN B 56 -25.70 0.61 0.98
CA ASN B 56 -25.63 1.81 0.15
C ASN B 56 -24.20 2.04 -0.36
N THR B 57 -24.10 2.55 -1.58
CA THR B 57 -22.82 2.74 -2.23
C THR B 57 -22.67 4.17 -2.73
N ASN B 58 -21.42 4.62 -2.81
CA ASN B 58 -21.04 5.86 -3.47
C ASN B 58 -19.87 5.55 -4.39
N TYR B 59 -19.96 5.95 -5.65
CA TYR B 59 -18.94 5.61 -6.64
C TYR B 59 -18.21 6.84 -7.13
N ASN B 60 -16.92 6.66 -7.46
CA ASN B 60 -16.21 7.60 -8.31
C ASN B 60 -16.98 7.63 -9.62
N LYS B 61 -17.75 8.69 -9.84
CA LYS B 61 -18.63 8.75 -11.00
C LYS B 61 -17.86 8.95 -12.30
N ILE B 62 -16.62 9.45 -12.21
CA ILE B 62 -15.78 9.54 -13.41
C ILE B 62 -15.52 8.16 -14.00
N PHE B 63 -15.72 7.11 -13.22
CA PHE B 63 -15.50 5.76 -13.72
C PHE B 63 -16.63 5.28 -14.62
N LYS B 64 -17.86 5.78 -14.41
CA LYS B 64 -19.09 5.37 -15.11
C LYS B 64 -19.61 4.05 -14.55
N LYS B 65 -19.66 3.02 -15.41
CA LYS B 65 -20.14 1.70 -15.02
C LYS B 65 -19.01 0.67 -15.02
N LYS B 66 -17.89 1.03 -14.42
CA LYS B 66 -16.74 0.14 -14.37
C LYS B 66 -16.75 -0.77 -13.16
N ALA B 67 -17.39 -0.36 -12.06
CA ALA B 67 -17.25 -1.05 -10.78
C ALA B 67 -18.59 -1.29 -10.12
N THR B 68 -18.68 -2.42 -9.41
CA THR B 68 -19.83 -2.76 -8.60
C THR B 68 -19.35 -3.21 -7.24
N LEU B 69 -19.83 -2.58 -6.18
CA LEU B 69 -19.46 -2.92 -4.81
C LEU B 69 -20.62 -3.65 -4.13
N THR B 70 -20.30 -4.74 -3.47
CA THR B 70 -21.29 -5.46 -2.69
C THR B 70 -20.62 -5.94 -1.41
N VAL B 71 -21.46 -6.35 -0.45
CA VAL B 71 -20.97 -7.04 0.74
C VAL B 71 -21.78 -8.31 0.91
N ASP B 72 -21.17 -9.27 1.61
CA ASP B 72 -21.85 -10.45 2.13
C ASP B 72 -21.72 -10.39 3.66
N LYS B 73 -22.80 -9.99 4.32
CA LYS B 73 -22.76 -9.84 5.78
C LYS B 73 -22.52 -11.18 6.48
N SER B 74 -23.01 -12.28 5.90
CA SER B 74 -22.82 -13.59 6.54
C SER B 74 -21.35 -13.95 6.65
N SER B 75 -20.56 -13.57 5.65
CA SER B 75 -19.13 -13.88 5.64
C SER B 75 -18.29 -12.65 5.95
N SER B 76 -18.92 -11.53 6.27
CA SER B 76 -18.24 -10.26 6.52
C SER B 76 -17.14 -10.03 5.48
N THR B 77 -17.54 -10.14 4.22
CA THR B 77 -16.65 -9.97 3.08
C THR B 77 -17.22 -8.89 2.16
N ALA B 78 -16.32 -8.03 1.67
CA ALA B 78 -16.66 -7.00 0.70
C ALA B 78 -16.09 -7.41 -0.65
N TYR B 79 -16.85 -7.13 -1.72
CA TYR B 79 -16.48 -7.49 -3.07
C TYR B 79 -16.47 -6.27 -3.97
N MET B 80 -15.44 -6.19 -4.82
CA MET B 80 -15.39 -5.21 -5.89
C MET B 80 -15.27 -5.95 -7.21
N GLN B 81 -16.25 -5.75 -8.08
CA GLN B 81 -16.25 -6.31 -9.42
C GLN B 81 -15.98 -5.18 -10.40
N LEU B 82 -15.03 -5.41 -11.31
CA LEU B 82 -14.66 -4.43 -12.33
C LEU B 82 -15.01 -4.99 -13.69
N ASN B 83 -15.70 -4.21 -14.50
CA ASN B 83 -16.17 -4.67 -15.79
C ASN B 83 -15.38 -3.99 -16.91
N SER B 84 -15.24 -4.70 -18.03
CA SER B 84 -14.67 -4.15 -19.27
C SER B 84 -13.30 -3.53 -19.06
N LEU B 85 -12.39 -4.34 -18.50
CA LEU B 85 -11.09 -3.83 -18.11
C LEU B 85 -10.21 -3.50 -19.32
N THR B 86 -9.39 -2.48 -19.17
CA THR B 86 -8.39 -2.09 -20.15
C THR B 86 -7.02 -2.12 -19.48
N SER B 87 -5.96 -1.96 -20.28
CA SER B 87 -4.61 -1.97 -19.72
C SER B 87 -4.42 -0.84 -18.71
N ASP B 88 -5.13 0.26 -18.88
CA ASP B 88 -5.02 1.36 -17.94
C ASP B 88 -5.56 1.02 -16.55
N ASP B 89 -6.31 -0.07 -16.43
CA ASP B 89 -6.82 -0.54 -15.14
C ASP B 89 -5.81 -1.41 -14.38
N SER B 90 -4.64 -1.65 -14.97
CA SER B 90 -3.60 -2.39 -14.26
C SER B 90 -3.09 -1.56 -13.10
N ALA B 91 -3.09 -2.14 -11.90
CA ALA B 91 -2.83 -1.36 -10.69
C ALA B 91 -2.89 -2.31 -9.50
N VAL B 92 -2.50 -1.80 -8.33
CA VAL B 92 -2.77 -2.50 -7.08
C VAL B 92 -4.06 -1.95 -6.49
N TYR B 93 -5.01 -2.84 -6.21
CA TYR B 93 -6.31 -2.44 -5.65
C TYR B 93 -6.34 -2.76 -4.16
N PHE B 94 -6.82 -1.81 -3.36
CA PHE B 94 -6.92 -1.94 -1.92
C PHE B 94 -8.35 -1.78 -1.45
N CYS B 95 -8.75 -2.57 -0.46
CA CYS B 95 -9.91 -2.25 0.36
C CYS B 95 -9.43 -1.67 1.68
N ALA B 96 -10.23 -0.80 2.27
CA ALA B 96 -9.82 -0.20 3.54
C ALA B 96 -11.05 0.12 4.39
N ARG B 97 -10.96 -0.22 5.67
CA ARG B 97 -12.01 0.13 6.62
C ARG B 97 -11.98 1.62 6.91
N SER B 98 -13.15 2.24 7.09
CA SER B 98 -13.16 3.69 7.28
C SER B 98 -14.21 4.18 8.26
N GLN B 99 -13.81 5.14 9.11
CA GLN B 99 -14.73 6.09 9.75
C GLN B 99 -14.05 7.47 9.71
N ASP B 100 -14.17 8.15 8.56
CA ASP B 100 -13.47 9.41 8.31
C ASP B 100 -11.94 9.25 8.32
N ALA B 101 -11.45 8.02 8.21
CA ALA B 101 -10.03 7.72 8.12
C ALA B 101 -9.89 6.25 7.80
N TRP B 102 -8.96 5.91 6.92
CA TRP B 102 -8.77 4.53 6.48
C TRP B 102 -7.70 3.92 7.38
N ASP B 103 -8.14 3.33 8.50
CA ASP B 103 -7.21 2.90 9.54
C ASP B 103 -6.71 1.47 9.38
N TYR B 104 -7.44 0.59 8.68
CA TYR B 104 -6.95 -0.74 8.39
C TYR B 104 -7.15 -1.02 6.92
N TRP B 105 -6.12 -1.51 6.27
CA TRP B 105 -6.14 -1.75 4.84
C TRP B 105 -5.95 -3.22 4.55
N GLY B 106 -6.49 -3.65 3.42
CA GLY B 106 -6.08 -4.93 2.89
C GLY B 106 -4.64 -4.85 2.37
N GLN B 107 -4.09 -6.02 2.05
CA GLN B 107 -2.69 -6.09 1.62
C GLN B 107 -2.50 -5.69 0.15
N GLY B 108 -3.57 -5.49 -0.59
CA GLY B 108 -3.47 -5.13 -1.99
C GLY B 108 -3.63 -6.35 -2.89
N VAL B 109 -4.21 -6.11 -4.06
CA VAL B 109 -4.36 -7.12 -5.10
C VAL B 109 -3.80 -6.52 -6.37
N THR B 110 -2.76 -7.15 -6.91
CA THR B 110 -2.17 -6.72 -8.17
C THR B 110 -2.96 -7.30 -9.33
N ILE B 111 -3.57 -6.44 -10.14
CA ILE B 111 -4.30 -6.86 -11.34
C ILE B 111 -3.50 -6.41 -12.56
N THR B 112 -3.27 -7.33 -13.48
CA THR B 112 -2.64 -7.01 -14.73
C THR B 112 -3.66 -7.26 -15.83
N VAL B 113 -3.96 -6.23 -16.61
CA VAL B 113 -4.85 -6.39 -17.75
C VAL B 113 -3.98 -6.40 -19.00
N SER B 114 -3.90 -7.57 -19.64
CA SER B 114 -2.94 -7.76 -20.73
C SER B 114 -3.40 -8.95 -21.57
N SER B 115 -3.16 -8.86 -22.88
CA SER B 115 -3.34 -10.05 -23.69
C SER B 115 -2.10 -10.95 -23.71
N ALA B 116 -0.95 -10.44 -23.24
CA ALA B 116 0.26 -11.24 -23.19
C ALA B 116 0.05 -12.54 -22.41
N LYS B 117 0.84 -13.55 -22.75
CA LYS B 117 0.74 -14.86 -22.13
C LYS B 117 1.52 -14.90 -20.83
N THR B 118 1.02 -15.70 -19.88
CA THR B 118 1.74 -15.99 -18.65
C THR B 118 3.05 -16.70 -18.95
N THR B 119 4.14 -16.25 -18.30
CA THR B 119 5.45 -16.90 -18.45
C THR B 119 6.08 -17.10 -17.08
N PRO B 120 6.36 -18.33 -16.65
CA PRO B 120 7.02 -18.54 -15.36
C PRO B 120 8.46 -18.07 -15.42
N PRO B 121 9.02 -17.61 -14.31
CA PRO B 121 10.41 -17.17 -14.32
C PRO B 121 11.36 -18.35 -14.39
N SER B 122 12.55 -18.07 -14.91
CA SER B 122 13.71 -18.91 -14.67
C SER B 122 14.42 -18.34 -13.45
N VAL B 123 14.81 -19.22 -12.54
CA VAL B 123 15.46 -18.82 -11.29
C VAL B 123 16.89 -19.32 -11.32
N TYR B 124 17.84 -18.40 -11.25
CA TYR B 124 19.24 -18.76 -11.35
C TYR B 124 20.00 -18.41 -10.07
N PRO B 125 20.79 -19.32 -9.52
CA PRO B 125 21.58 -19.01 -8.32
C PRO B 125 22.77 -18.15 -8.69
N LEU B 126 23.08 -17.18 -7.84
CA LEU B 126 24.27 -16.34 -8.03
C LEU B 126 25.27 -16.67 -6.92
N ALA B 127 26.24 -17.53 -7.25
CA ALA B 127 27.30 -17.87 -6.32
C ALA B 127 28.55 -17.05 -6.60
N PRO B 128 29.33 -16.70 -5.58
CA PRO B 128 30.52 -15.89 -5.82
C PRO B 128 31.55 -16.63 -6.67
N SER B 129 32.48 -15.87 -7.21
CA SER B 129 33.62 -16.44 -7.93
C SER B 129 34.62 -17.00 -6.94
N ALA B 130 35.35 -18.04 -7.35
CA ALA B 130 36.20 -18.81 -6.45
C ALA B 130 37.37 -18.03 -5.82
N ALA B 131 37.11 -16.84 -5.26
CA ALA B 131 38.12 -16.03 -4.59
C ALA B 131 37.65 -15.71 -3.17
N ALA B 132 38.51 -15.92 -2.18
CA ALA B 132 38.10 -16.05 -0.79
C ALA B 132 38.36 -14.77 0.02
N ALA B 133 37.77 -13.66 -0.41
CA ALA B 133 37.66 -12.49 0.47
C ALA B 133 36.71 -12.81 1.62
N ASN B 134 36.95 -12.20 2.78
CA ASN B 134 36.51 -12.81 4.02
C ASN B 134 35.70 -11.97 5.00
N SER B 135 35.48 -10.67 4.76
CA SER B 135 34.72 -9.88 5.73
C SER B 135 33.30 -10.43 5.90
N MET B 136 32.55 -10.47 4.82
CA MET B 136 31.29 -11.21 4.77
C MET B 136 31.23 -11.91 3.41
N VAL B 137 30.08 -12.52 3.10
CA VAL B 137 29.86 -13.12 1.79
C VAL B 137 28.49 -12.69 1.30
N THR B 138 28.41 -12.28 0.04
CA THR B 138 27.15 -11.89 -0.59
C THR B 138 26.80 -12.89 -1.67
N LEU B 139 25.59 -13.43 -1.61
CA LEU B 139 25.02 -14.34 -2.58
C LEU B 139 23.80 -13.69 -3.22
N GLY B 140 23.27 -14.33 -4.25
CA GLY B 140 22.12 -13.71 -4.86
C GLY B 140 21.31 -14.70 -5.67
N CYS B 141 20.27 -14.16 -6.29
CA CYS B 141 19.25 -14.94 -6.95
C CYS B 141 18.73 -14.07 -8.10
N LEU B 142 18.74 -14.61 -9.32
CA LEU B 142 18.28 -13.89 -10.49
C LEU B 142 16.99 -14.55 -10.96
N VAL B 143 15.91 -13.76 -11.02
CA VAL B 143 14.58 -14.22 -11.41
C VAL B 143 14.27 -13.57 -12.76
N LYS B 144 14.33 -14.35 -13.84
CA LYS B 144 14.43 -13.79 -15.18
C LYS B 144 13.26 -14.24 -16.06
N GLY B 145 12.68 -13.29 -16.79
CA GLY B 145 11.78 -13.58 -17.89
C GLY B 145 10.39 -14.05 -17.52
N TYR B 146 9.71 -13.35 -16.63
CA TYR B 146 8.39 -13.77 -16.21
C TYR B 146 7.34 -12.72 -16.54
N PHE B 147 6.09 -13.16 -16.61
CA PHE B 147 4.95 -12.30 -16.78
C PHE B 147 3.74 -13.04 -16.23
N PRO B 148 2.83 -12.35 -15.53
CA PRO B 148 2.92 -10.95 -15.14
C PRO B 148 3.59 -10.83 -13.78
N GLU B 149 3.71 -9.60 -13.28
CA GLU B 149 3.91 -9.39 -11.85
C GLU B 149 2.69 -9.87 -11.06
N PRO B 150 2.86 -10.23 -9.79
CA PRO B 150 4.08 -10.21 -8.99
C PRO B 150 4.73 -11.58 -8.87
N VAL B 151 5.96 -11.59 -8.35
CA VAL B 151 6.55 -12.78 -7.77
C VAL B 151 6.80 -12.48 -6.30
N THR B 152 6.99 -13.53 -5.52
CA THR B 152 7.43 -13.41 -4.14
C THR B 152 8.77 -14.11 -4.03
N VAL B 153 9.78 -13.42 -3.51
CA VAL B 153 11.10 -13.99 -3.30
C VAL B 153 11.39 -13.92 -1.80
N THR B 154 11.80 -15.04 -1.23
CA THR B 154 12.25 -15.10 0.14
C THR B 154 13.55 -15.88 0.16
N TRP B 155 14.29 -15.74 1.25
CA TRP B 155 15.50 -16.52 1.50
C TRP B 155 15.25 -17.45 2.68
N ASN B 156 15.62 -18.72 2.54
CA ASN B 156 15.39 -19.75 3.56
C ASN B 156 13.97 -19.70 4.11
N SER B 157 13.01 -19.64 3.17
CA SER B 157 11.58 -19.65 3.46
C SER B 157 11.14 -18.50 4.35
N GLY B 158 11.88 -17.40 4.34
CA GLY B 158 11.50 -16.22 5.09
C GLY B 158 12.31 -15.98 6.34
N SER B 159 13.07 -16.98 6.82
CA SER B 159 13.83 -16.84 8.05
C SER B 159 15.09 -16.00 7.89
N LEU B 160 15.47 -15.66 6.65
CA LEU B 160 16.61 -14.80 6.37
C LEU B 160 16.08 -13.50 5.80
N SER B 161 16.13 -12.44 6.61
CA SER B 161 15.59 -11.15 6.18
C SER B 161 16.58 -10.02 6.38
N GLY B 162 17.43 -10.10 7.40
CA GLY B 162 18.51 -9.13 7.55
C GLY B 162 19.54 -9.30 6.44
N GLY B 163 20.09 -8.18 5.98
CA GLY B 163 21.10 -8.25 4.94
C GLY B 163 20.60 -8.60 3.57
N VAL B 164 19.29 -8.48 3.33
CA VAL B 164 18.69 -8.80 2.04
C VAL B 164 18.36 -7.52 1.32
N HIS B 165 18.65 -7.48 0.03
CA HIS B 165 18.11 -6.46 -0.87
C HIS B 165 17.40 -7.17 -1.99
N THR B 166 16.11 -6.91 -2.15
CA THR B 166 15.41 -7.42 -3.32
C THR B 166 15.11 -6.24 -4.24
N PHE B 167 15.55 -6.33 -5.45
CA PHE B 167 15.50 -5.14 -6.31
C PHE B 167 14.21 -5.12 -7.11
N PRO B 168 13.68 -3.92 -7.35
CA PRO B 168 12.43 -3.81 -8.10
C PRO B 168 12.52 -4.49 -9.44
N ALA B 169 11.42 -5.11 -9.87
CA ALA B 169 11.46 -5.80 -11.16
C ALA B 169 11.55 -4.77 -12.28
N VAL B 170 12.17 -5.17 -13.38
CA VAL B 170 12.33 -4.33 -14.55
C VAL B 170 11.59 -4.98 -15.71
N LEU B 171 10.72 -4.22 -16.36
CA LEU B 171 10.02 -4.71 -17.53
C LEU B 171 10.84 -4.37 -18.78
N GLN B 172 11.09 -5.38 -19.61
CA GLN B 172 11.75 -5.17 -20.89
C GLN B 172 11.24 -6.24 -21.85
N SER B 173 10.88 -5.83 -23.06
CA SER B 173 10.38 -6.73 -24.10
C SER B 173 9.25 -7.62 -23.58
N ASP B 174 8.33 -7.02 -22.80
CA ASP B 174 7.14 -7.67 -22.26
C ASP B 174 7.45 -8.78 -21.25
N LEU B 175 8.65 -8.79 -20.65
CA LEU B 175 8.99 -9.77 -19.63
C LEU B 175 9.69 -9.07 -18.47
N TYR B 176 9.45 -9.56 -17.25
CA TYR B 176 10.00 -8.98 -16.04
C TYR B 176 11.26 -9.72 -15.61
N THR B 177 12.19 -8.97 -15.03
CA THR B 177 13.39 -9.53 -14.43
C THR B 177 13.62 -8.88 -13.07
N LEU B 178 13.97 -9.70 -12.09
CA LEU B 178 14.12 -9.28 -10.71
C LEU B 178 15.39 -9.94 -10.18
N SER B 179 15.98 -9.36 -9.15
CA SER B 179 17.13 -9.99 -8.53
C SER B 179 17.14 -9.65 -7.04
N SER B 180 17.88 -10.46 -6.28
CA SER B 180 17.94 -10.28 -4.85
C SER B 180 19.33 -10.67 -4.37
N SER B 181 19.88 -9.89 -3.44
CA SER B 181 21.15 -10.22 -2.83
C SER B 181 20.93 -10.51 -1.35
N VAL B 182 21.77 -11.39 -0.81
CA VAL B 182 21.73 -11.68 0.62
C VAL B 182 23.18 -11.73 1.09
N THR B 183 23.44 -11.09 2.21
CA THR B 183 24.78 -10.90 2.75
C THR B 183 24.85 -11.57 4.11
N VAL B 184 25.80 -12.49 4.28
CA VAL B 184 25.97 -13.20 5.55
C VAL B 184 27.45 -13.21 5.91
N PRO B 185 27.78 -13.47 7.18
CA PRO B 185 29.20 -13.56 7.58
C PRO B 185 29.89 -14.71 6.86
N SER B 186 31.19 -14.65 6.76
CA SER B 186 31.89 -15.65 5.95
C SER B 186 31.88 -17.03 6.60
N SER B 187 31.79 -17.09 7.93
CA SER B 187 31.75 -18.40 8.56
C SER B 187 30.41 -19.11 8.42
N THR B 188 29.37 -18.46 7.90
CA THR B 188 28.08 -19.16 7.87
C THR B 188 27.79 -19.87 6.54
N TRP B 189 28.37 -19.40 5.45
CA TRP B 189 28.19 -20.05 4.16
C TRP B 189 29.55 -20.36 3.55
N PRO B 190 29.71 -21.51 2.88
CA PRO B 190 28.70 -22.54 2.52
C PRO B 190 28.41 -23.63 3.55
N SER B 191 28.94 -23.53 4.77
CA SER B 191 28.69 -24.58 5.75
C SER B 191 27.20 -24.73 6.03
N GLU B 192 26.49 -23.60 6.12
CA GLU B 192 25.05 -23.61 6.32
C GLU B 192 24.37 -23.24 5.00
N THR B 193 23.29 -23.96 4.69
CA THR B 193 22.66 -23.82 3.39
C THR B 193 21.85 -22.54 3.30
N ILE B 194 21.86 -21.93 2.12
CA ILE B 194 21.09 -20.73 1.81
C ILE B 194 20.37 -20.98 0.48
N THR B 195 19.06 -20.75 0.48
CA THR B 195 18.17 -21.06 -0.63
C THR B 195 17.28 -19.85 -0.90
N CYS B 196 17.09 -19.49 -2.18
CA CYS B 196 16.07 -18.50 -2.50
C CYS B 196 14.83 -19.22 -2.99
N ASN B 197 13.68 -18.77 -2.50
CA ASN B 197 12.38 -19.36 -2.83
C ASN B 197 11.58 -18.35 -3.60
N VAL B 198 11.07 -18.75 -4.76
CA VAL B 198 10.43 -17.82 -5.68
C VAL B 198 9.07 -18.39 -6.06
N ALA B 199 8.00 -17.68 -5.71
CA ALA B 199 6.67 -18.08 -6.11
C ALA B 199 6.14 -17.13 -7.18
N HIS B 200 5.50 -17.70 -8.19
CA HIS B 200 4.87 -16.91 -9.25
C HIS B 200 3.41 -17.36 -9.33
N PRO B 201 2.52 -16.68 -8.61
CA PRO B 201 1.11 -17.11 -8.59
C PRO B 201 0.49 -17.36 -9.96
N ALA B 202 0.75 -16.47 -10.93
CA ALA B 202 0.04 -16.59 -12.20
C ALA B 202 0.38 -17.87 -12.93
N SER B 203 1.58 -18.42 -12.73
CA SER B 203 1.94 -19.69 -13.33
C SER B 203 1.88 -20.84 -12.35
N SER B 204 1.40 -20.59 -11.13
CA SER B 204 1.28 -21.61 -10.07
C SER B 204 2.59 -22.37 -9.87
N THR B 205 3.71 -21.66 -9.93
CA THR B 205 5.03 -22.25 -9.74
C THR B 205 5.64 -21.76 -8.44
N LYS B 206 6.36 -22.65 -7.75
CA LYS B 206 7.19 -22.34 -6.60
C LYS B 206 8.50 -23.07 -6.81
N VAL B 207 9.61 -22.34 -6.81
CA VAL B 207 10.93 -22.89 -7.07
C VAL B 207 11.83 -22.56 -5.87
N ASP B 208 12.57 -23.56 -5.39
CA ASP B 208 13.61 -23.37 -4.38
C ASP B 208 14.96 -23.56 -5.06
N LYS B 209 15.85 -22.59 -4.94
CA LYS B 209 17.17 -22.67 -5.55
C LYS B 209 18.22 -22.50 -4.47
N LYS B 210 18.88 -23.59 -4.11
CA LYS B 210 19.99 -23.53 -3.18
C LYS B 210 21.19 -22.92 -3.88
N ILE B 211 21.91 -22.05 -3.18
CA ILE B 211 23.13 -21.44 -3.70
C ILE B 211 24.29 -22.36 -3.31
N VAL B 212 24.95 -22.95 -4.30
CA VAL B 212 26.03 -23.92 -4.03
C VAL B 212 27.36 -23.25 -4.37
N PRO B 213 28.44 -23.58 -3.68
CA PRO B 213 29.71 -22.94 -3.97
C PRO B 213 30.29 -23.35 -5.31
N ARG B 214 31.01 -22.40 -5.91
CA ARG B 214 32.14 -22.52 -6.85
C ARG B 214 31.98 -21.54 -8.02
N ASP C 1 -14.48 18.20 -6.35
CA ASP C 1 -13.69 17.61 -5.27
C ASP C 1 -12.86 18.69 -4.57
N ILE C 2 -12.58 18.48 -3.29
CA ILE C 2 -11.61 19.34 -2.62
C ILE C 2 -10.21 19.02 -3.11
N VAL C 3 -9.42 20.06 -3.38
CA VAL C 3 -8.05 19.91 -3.83
C VAL C 3 -7.12 20.18 -2.65
N MET C 4 -6.22 19.27 -2.39
CA MET C 4 -5.24 19.48 -1.34
C MET C 4 -3.87 19.62 -1.99
N THR C 5 -3.16 20.68 -1.62
CA THR C 5 -1.86 21.01 -2.19
C THR C 5 -0.82 20.73 -1.12
N GLN C 6 -0.06 19.67 -1.32
CA GLN C 6 0.88 19.15 -0.35
C GLN C 6 2.30 19.50 -0.78
N SER C 7 3.12 19.94 0.17
CA SER C 7 4.49 20.32 -0.16
C SER C 7 5.39 20.09 1.05
N PRO C 8 6.69 19.89 0.83
CA PRO C 8 7.31 19.79 -0.49
C PRO C 8 7.05 18.44 -1.14
N ALA C 9 7.29 18.34 -2.44
CA ALA C 9 7.16 17.04 -3.10
C ALA C 9 8.23 16.07 -2.60
N VAL C 10 9.37 16.60 -2.17
CA VAL C 10 10.50 15.77 -1.73
C VAL C 10 11.21 16.51 -0.59
N LEU C 11 11.74 15.73 0.34
CA LEU C 11 12.23 16.28 1.58
C LEU C 11 13.39 15.43 2.05
N ALA C 12 14.58 16.02 2.16
CA ALA C 12 15.74 15.33 2.71
C ALA C 12 16.03 15.93 4.07
N THR C 13 16.26 15.10 5.07
CA THR C 13 16.38 15.59 6.44
C THR C 13 17.40 14.76 7.20
N SER C 14 18.20 15.42 8.03
CA SER C 14 19.23 14.73 8.76
C SER C 14 18.65 13.99 9.95
N ASN C 15 19.31 12.88 10.31
CA ASN C 15 18.94 12.06 11.47
C ASN C 15 18.80 12.93 12.71
N GLY C 16 17.73 12.69 13.47
CA GLY C 16 17.48 13.45 14.68
C GLY C 16 16.96 14.87 14.48
N GLU C 17 16.83 15.34 13.24
CA GLU C 17 16.36 16.70 13.00
C GLU C 17 14.84 16.69 12.76
N ARG C 18 14.31 17.83 12.30
CA ARG C 18 12.88 18.07 12.19
C ARG C 18 12.46 18.10 10.72
N ALA C 19 11.42 17.32 10.40
CA ALA C 19 10.76 17.36 9.10
C ALA C 19 9.35 17.90 9.27
N THR C 20 8.93 18.76 8.34
CA THR C 20 7.61 19.39 8.39
C THR C 20 6.98 19.29 7.01
N ILE C 21 5.79 18.71 6.95
CA ILE C 21 5.05 18.51 5.71
C ILE C 21 3.74 19.29 5.81
N THR C 22 3.43 20.03 4.76
CA THR C 22 2.35 21.01 4.74
C THR C 22 1.25 20.56 3.79
N CYS C 23 0.00 20.88 4.15
CA CYS C 23 -1.15 20.57 3.31
C CYS C 23 -2.06 21.79 3.34
N LYS C 24 -2.37 22.33 2.16
CA LYS C 24 -3.33 23.43 2.04
C LYS C 24 -4.55 22.93 1.29
N ALA C 25 -5.73 23.08 1.89
CA ALA C 25 -6.96 22.62 1.28
C ALA C 25 -7.62 23.77 0.51
N SER C 26 -8.31 23.42 -0.58
CA SER C 26 -8.97 24.42 -1.41
C SER C 26 -10.18 25.04 -0.72
N MET C 27 -10.71 24.41 0.33
CA MET C 27 -11.75 24.99 1.16
C MET C 27 -11.53 24.54 2.59
N SER C 28 -12.19 25.23 3.52
CA SER C 28 -12.07 24.85 4.93
C SER C 28 -12.56 23.43 5.15
N VAL C 29 -11.83 22.68 5.99
CA VAL C 29 -12.23 21.34 6.38
C VAL C 29 -12.23 21.25 7.90
N SER C 30 -12.51 22.37 8.57
CA SER C 30 -12.63 22.42 10.03
C SER C 30 -13.93 23.09 10.42
N THR C 31 -14.39 22.78 11.64
CA THR C 31 -15.30 23.64 12.40
C THR C 31 -14.50 24.26 13.53
N SER C 32 -15.19 25.01 14.40
CA SER C 32 -14.45 25.58 15.52
C SER C 32 -13.97 24.53 16.50
N THR C 33 -14.46 23.29 16.42
CA THR C 33 -14.05 22.23 17.35
C THR C 33 -13.34 21.04 16.73
N TYR C 34 -13.54 20.74 15.45
CA TYR C 34 -12.92 19.56 14.86
C TYR C 34 -12.42 19.86 13.46
N SER C 35 -11.25 19.29 13.12
CA SER C 35 -10.63 19.44 11.81
C SER C 35 -10.51 18.07 11.16
N TYR C 36 -10.81 18.01 9.87
CA TYR C 36 -11.02 16.75 9.17
C TYR C 36 -9.85 16.49 8.24
N MET C 37 -8.69 16.15 8.82
CA MET C 37 -7.45 15.94 8.10
C MET C 37 -6.77 14.69 8.65
N ASP C 38 -6.35 13.80 7.75
CA ASP C 38 -5.60 12.59 8.11
C ASP C 38 -4.22 12.65 7.46
N TRP C 39 -3.26 11.93 8.07
CA TRP C 39 -1.93 11.79 7.53
C TRP C 39 -1.58 10.31 7.46
N TYR C 40 -1.04 9.88 6.31
CA TYR C 40 -0.59 8.51 6.11
C TYR C 40 0.89 8.46 5.77
N GLN C 41 1.48 7.29 6.06
CA GLN C 41 2.85 6.95 5.73
C GLN C 41 2.82 5.67 4.90
N GLN C 42 3.50 5.67 3.76
CA GLN C 42 3.55 4.46 2.95
C GLN C 42 5.00 4.06 2.66
N LYS C 43 5.30 2.81 2.91
CA LYS C 43 6.60 2.23 2.62
C LYS C 43 6.45 1.24 1.46
N PRO C 44 7.54 0.93 0.76
CA PRO C 44 7.42 0.12 -0.46
C PRO C 44 6.76 -1.23 -0.19
N GLY C 45 5.85 -1.61 -1.07
CA GLY C 45 5.18 -2.90 -0.99
C GLY C 45 4.09 -3.02 0.05
N GLN C 46 3.71 -1.92 0.70
CA GLN C 46 2.76 -1.96 1.79
C GLN C 46 1.64 -0.98 1.51
N PRO C 47 0.45 -1.20 2.06
CA PRO C 47 -0.56 -0.17 2.01
C PRO C 47 -0.13 1.01 2.86
N PRO C 48 -0.69 2.19 2.61
CA PRO C 48 -0.48 3.31 3.53
C PRO C 48 -0.90 2.95 4.93
N LYS C 49 -0.23 3.57 5.90
CA LYS C 49 -0.49 3.39 7.32
C LYS C 49 -0.98 4.72 7.88
N LEU C 50 -2.12 4.69 8.55
CA LEU C 50 -2.68 5.91 9.14
C LEU C 50 -1.86 6.31 10.36
N LEU C 51 -1.39 7.56 10.39
CA LEU C 51 -0.64 8.05 11.55
C LEU C 51 -1.48 8.94 12.45
N ILE C 52 -2.33 9.77 11.85
CA ILE C 52 -2.99 10.85 12.56
C ILE C 52 -4.36 11.05 11.92
N LYS C 53 -5.41 11.14 12.75
CA LYS C 53 -6.73 11.47 12.24
C LYS C 53 -7.28 12.69 12.96
N LYS C 54 -8.29 13.30 12.35
CA LYS C 54 -8.87 14.55 12.86
C LYS C 54 -7.78 15.55 13.22
N ALA C 55 -6.81 15.70 12.29
CA ALA C 55 -5.73 16.68 12.28
C ALA C 55 -4.63 16.45 13.33
N SER C 56 -4.99 16.00 14.55
CA SER C 56 -4.01 16.01 15.63
C SER C 56 -3.98 14.77 16.51
N ASN C 57 -4.81 13.75 16.24
CA ASN C 57 -4.92 12.59 17.12
C ASN C 57 -4.07 11.45 16.57
N ASN C 58 -3.03 11.08 17.32
CA ASN C 58 -2.16 9.95 16.98
C ASN C 58 -2.93 8.63 17.02
N GLU C 59 -2.74 7.80 16.00
CA GLU C 59 -3.21 6.43 16.08
C GLU C 59 -2.44 5.66 17.15
N THR C 60 -3.11 4.74 17.83
CA THR C 60 -2.44 3.94 18.85
C THR C 60 -1.22 3.25 18.26
N GLY C 61 -0.10 3.35 18.97
CA GLY C 61 1.12 2.73 18.54
C GLY C 61 2.00 3.60 17.68
N VAL C 62 1.52 4.77 17.27
CA VAL C 62 2.37 5.72 16.54
C VAL C 62 3.22 6.48 17.55
N PRO C 63 4.53 6.53 17.39
CA PRO C 63 5.36 7.24 18.37
C PRO C 63 5.10 8.73 18.36
N ALA C 64 5.32 9.34 19.53
CA ALA C 64 4.95 10.73 19.75
C ALA C 64 5.83 11.72 19.00
N ARG C 65 6.93 11.27 18.36
CA ARG C 65 7.68 12.19 17.52
C ARG C 65 6.92 12.64 16.30
N PHE C 66 5.79 11.99 15.99
CA PHE C 66 4.86 12.45 14.97
C PHE C 66 3.81 13.33 15.62
N SER C 67 3.49 14.44 14.97
CA SER C 67 2.43 15.29 15.49
C SER C 67 1.74 16.00 14.34
N GLY C 68 0.44 16.17 14.48
CA GLY C 68 -0.37 16.82 13.47
C GLY C 68 -0.93 18.11 14.04
N SER C 69 -0.97 19.15 13.23
CA SER C 69 -1.47 20.43 13.71
C SER C 69 -2.09 21.19 12.55
N GLY C 70 -2.77 22.28 12.89
CA GLY C 70 -3.36 23.16 11.91
C GLY C 70 -4.87 23.22 12.03
N THR C 71 -5.45 24.06 11.18
CA THR C 71 -6.90 24.19 11.17
C THR C 71 -7.31 24.95 9.93
N LYS C 72 -8.60 24.85 9.61
CA LYS C 72 -9.24 25.57 8.51
C LYS C 72 -8.72 25.04 7.18
N LYS C 73 -7.71 25.69 6.59
CA LYS C 73 -7.17 25.30 5.28
C LYS C 73 -5.72 24.86 5.34
N ASP C 74 -5.04 25.03 6.48
CA ASP C 74 -3.59 24.85 6.54
C ASP C 74 -3.25 23.86 7.64
N PHE C 75 -2.54 22.79 7.26
CA PHE C 75 -2.29 21.66 8.13
C PHE C 75 -0.85 21.22 8.01
N THR C 76 -0.33 20.65 9.09
CA THR C 76 1.08 20.31 9.15
C THR C 76 1.23 18.95 9.79
N LEU C 77 2.10 18.12 9.20
CA LEU C 77 2.67 16.96 9.87
C LEU C 77 4.11 17.30 10.22
N THR C 78 4.46 17.15 11.50
CA THR C 78 5.83 17.35 11.97
C THR C 78 6.37 16.04 12.54
N ILE C 79 7.62 15.75 12.20
CA ILE C 79 8.35 14.58 12.73
C ILE C 79 9.61 15.10 13.40
N HIS C 80 9.79 14.76 14.67
CA HIS C 80 10.96 15.23 15.39
C HIS C 80 11.10 14.46 16.70
N PRO C 81 12.24 13.79 16.93
CA PRO C 81 13.36 13.70 15.99
C PRO C 81 13.09 12.68 14.87
N VAL C 82 13.53 12.93 13.63
CA VAL C 82 13.34 11.95 12.57
C VAL C 82 14.29 10.77 12.77
N GLN C 83 13.80 9.56 12.51
CA GLN C 83 14.63 8.36 12.63
C GLN C 83 14.76 7.69 11.28
N GLN C 84 15.71 6.75 11.18
CA GLN C 84 15.95 6.08 9.90
C GLN C 84 14.69 5.40 9.37
N GLU C 85 13.89 4.81 10.26
CA GLU C 85 12.71 4.08 9.81
C GLU C 85 11.65 4.99 9.20
N ASP C 86 11.83 6.30 9.27
CA ASP C 86 10.83 7.25 8.79
C ASP C 86 10.93 7.50 7.29
N VAL C 87 11.92 6.95 6.60
CA VAL C 87 12.01 7.14 5.15
C VAL C 87 10.81 6.48 4.50
N SER C 88 10.07 7.25 3.70
CA SER C 88 8.86 6.79 3.03
C SER C 88 8.14 7.97 2.41
N THR C 89 6.96 7.71 1.84
CA THR C 89 6.14 8.75 1.23
C THR C 89 4.96 9.00 2.17
N TYR C 90 4.67 10.27 2.42
CA TYR C 90 3.61 10.69 3.33
C TYR C 90 2.52 11.39 2.54
N TYR C 91 1.27 11.18 2.93
CA TYR C 91 0.14 11.81 2.25
C TYR C 91 -0.80 12.44 3.27
N CYS C 92 -1.31 13.62 2.94
CA CYS C 92 -2.48 14.12 3.66
C CYS C 92 -3.76 13.67 2.96
N GLN C 93 -4.87 13.67 3.70
CA GLN C 93 -6.18 13.32 3.18
C GLN C 93 -7.23 13.98 4.06
N HIS C 94 -8.16 14.71 3.45
CA HIS C 94 -9.26 15.27 4.24
C HIS C 94 -10.40 14.26 4.35
N SER C 95 -11.22 14.43 5.39
CA SER C 95 -12.39 13.60 5.61
C SER C 95 -13.64 14.45 5.75
N TRP C 96 -13.66 15.62 5.09
CA TRP C 96 -14.79 16.54 5.20
C TRP C 96 -16.00 16.03 4.42
N GLN C 97 -15.77 15.34 3.31
CA GLN C 97 -16.84 14.89 2.41
C GLN C 97 -16.28 13.79 1.52
N THR C 98 -17.23 13.05 0.79
CA THR C 98 -16.60 12.20 -0.23
C THR C 98 -16.54 12.95 -1.56
N PRO C 99 -15.50 12.71 -2.39
CA PRO C 99 -14.37 11.81 -2.08
C PRO C 99 -13.40 12.37 -1.03
N LEU C 100 -12.82 11.48 -0.21
CA LEU C 100 -11.75 11.85 0.73
C LEU C 100 -10.44 11.91 -0.05
N THR C 101 -10.19 13.06 -0.68
CA THR C 101 -9.07 13.18 -1.61
C THR C 101 -7.73 13.33 -0.87
N PHE C 102 -6.66 13.04 -1.61
CA PHE C 102 -5.29 13.00 -1.09
C PHE C 102 -4.47 14.14 -1.66
N GLY C 103 -3.49 14.62 -0.87
CA GLY C 103 -2.39 15.37 -1.46
C GLY C 103 -1.54 14.47 -2.35
N ALA C 104 -0.69 15.10 -3.16
CA ALA C 104 0.11 14.33 -4.11
C ALA C 104 1.24 13.56 -3.43
N GLY C 105 1.56 13.88 -2.20
CA GLY C 105 2.53 13.04 -1.53
C GLY C 105 3.84 13.77 -1.31
N THR C 106 4.59 13.32 -0.31
CA THR C 106 5.91 13.85 -0.01
C THR C 106 6.85 12.68 0.22
N VAL C 107 7.89 12.57 -0.60
CA VAL C 107 8.93 11.56 -0.39
C VAL C 107 9.94 12.10 0.61
N LEU C 108 9.94 11.55 1.81
CA LEU C 108 10.88 11.92 2.84
C LEU C 108 12.08 10.97 2.78
N GLU C 109 13.27 11.54 2.76
CA GLU C 109 14.50 10.74 2.76
C GLU C 109 15.46 11.27 3.81
N LEU C 110 16.22 10.34 4.39
CA LEU C 110 17.21 10.68 5.40
C LEU C 110 18.53 11.07 4.72
N LYS C 111 19.21 12.05 5.29
CA LYS C 111 20.62 12.28 5.02
C LYS C 111 21.48 11.47 5.99
N ARG C 112 22.74 11.25 5.62
CA ARG C 112 23.67 10.52 6.48
C ARG C 112 25.08 10.73 5.92
N ALA C 113 26.05 10.11 6.58
CA ALA C 113 27.43 10.17 6.13
C ALA C 113 27.61 9.36 4.85
N ASP C 114 28.59 9.77 4.04
CA ASP C 114 28.91 9.02 2.84
C ASP C 114 29.25 7.58 3.17
N ALA C 115 28.88 6.69 2.27
CA ALA C 115 29.10 5.26 2.46
C ALA C 115 29.53 4.68 1.13
N ALA C 116 30.69 4.00 1.10
CA ALA C 116 31.13 3.43 -0.17
C ALA C 116 30.36 2.15 -0.48
N PRO C 117 30.10 1.86 -1.75
CA PRO C 117 29.39 0.64 -2.10
C PRO C 117 30.20 -0.61 -1.78
N THR C 118 29.49 -1.66 -1.37
CA THR C 118 30.03 -3.02 -1.36
C THR C 118 29.68 -3.66 -2.69
N VAL C 119 30.70 -3.94 -3.51
CA VAL C 119 30.50 -4.38 -4.89
C VAL C 119 30.79 -5.87 -4.98
N SER C 120 29.88 -6.63 -5.59
CA SER C 120 30.03 -8.07 -5.81
C SER C 120 29.68 -8.40 -7.25
N ILE C 121 30.50 -9.22 -7.90
CA ILE C 121 30.20 -9.64 -9.26
C ILE C 121 29.97 -11.14 -9.28
N PHE C 122 29.09 -11.58 -10.18
CA PHE C 122 28.58 -12.96 -10.26
C PHE C 122 28.57 -13.47 -11.69
N PRO C 123 29.30 -14.54 -11.97
CA PRO C 123 29.29 -15.15 -13.29
C PRO C 123 27.94 -15.78 -13.60
N PRO C 124 27.69 -16.14 -14.85
CA PRO C 124 26.46 -16.85 -15.18
C PRO C 124 26.42 -18.20 -14.47
N SER C 125 25.20 -18.62 -14.13
CA SER C 125 24.97 -19.92 -13.52
C SER C 125 25.03 -21.02 -14.58
N SER C 126 25.34 -22.23 -14.12
CA SER C 126 25.33 -23.39 -15.01
C SER C 126 23.94 -23.59 -15.60
N GLU C 127 22.90 -23.40 -14.79
CA GLU C 127 21.52 -23.53 -15.26
C GLU C 127 21.23 -22.58 -16.42
N GLN C 128 21.69 -21.34 -16.33
CA GLN C 128 21.41 -20.39 -17.39
C GLN C 128 22.20 -20.73 -18.64
N LEU C 129 23.50 -21.00 -18.49
CA LEU C 129 24.32 -21.37 -19.63
C LEU C 129 23.76 -22.57 -20.38
N THR C 130 23.18 -23.52 -19.65
CA THR C 130 22.62 -24.71 -20.25
C THR C 130 21.51 -24.38 -21.24
N SER C 131 20.70 -23.36 -20.95
CA SER C 131 19.63 -22.96 -21.85
C SER C 131 20.05 -21.88 -22.84
N GLY C 132 21.36 -21.59 -22.94
CA GLY C 132 21.88 -20.75 -23.97
C GLY C 132 22.06 -19.28 -23.62
N GLY C 133 21.70 -18.86 -22.40
CA GLY C 133 21.88 -17.49 -21.96
C GLY C 133 23.10 -17.31 -21.07
N ALA C 134 23.45 -16.03 -20.84
CA ALA C 134 24.59 -15.72 -19.99
C ALA C 134 24.43 -14.32 -19.39
N SER C 135 23.95 -14.25 -18.15
CA SER C 135 23.84 -13.00 -17.44
C SER C 135 24.97 -12.88 -16.44
N VAL C 136 25.65 -11.75 -16.44
CA VAL C 136 26.61 -11.37 -15.39
C VAL C 136 25.93 -10.34 -14.51
N VAL C 137 26.02 -10.51 -13.20
CA VAL C 137 25.32 -9.64 -12.26
C VAL C 137 26.33 -8.95 -11.36
N CYS C 138 26.06 -7.67 -11.11
CA CYS C 138 26.90 -6.86 -10.25
C CYS C 138 26.00 -6.16 -9.24
N PHE C 139 26.23 -6.39 -7.95
CA PHE C 139 25.52 -5.71 -6.89
C PHE C 139 26.39 -4.61 -6.31
N LEU C 140 25.78 -3.46 -6.12
CA LEU C 140 26.43 -2.29 -5.55
C LEU C 140 25.59 -1.94 -4.34
N ASN C 141 26.01 -2.38 -3.15
CA ASN C 141 25.12 -2.38 -2.00
C ASN C 141 25.55 -1.39 -0.93
N ASN C 142 24.54 -0.74 -0.34
CA ASN C 142 24.65 0.04 0.89
C ASN C 142 25.59 1.22 0.74
N PHE C 143 25.29 2.06 -0.26
CA PHE C 143 26.08 3.25 -0.51
C PHE C 143 25.23 4.50 -0.26
N TYR C 144 25.93 5.64 -0.16
CA TYR C 144 25.33 6.95 0.06
C TYR C 144 26.37 7.99 -0.30
N PRO C 145 26.00 9.06 -1.04
CA PRO C 145 24.66 9.40 -1.53
C PRO C 145 24.20 8.50 -2.66
N LYS C 146 22.96 8.69 -3.13
CA LYS C 146 22.32 7.73 -4.04
C LYS C 146 22.90 7.77 -5.45
N ASP C 147 23.59 8.85 -5.82
CA ASP C 147 24.15 8.97 -7.17
C ASP C 147 25.34 8.04 -7.35
N ILE C 148 25.21 7.09 -8.27
CA ILE C 148 26.26 6.12 -8.56
C ILE C 148 26.18 5.81 -10.04
N ASN C 149 27.30 5.36 -10.60
CA ASN C 149 27.35 4.96 -12.00
C ASN C 149 28.11 3.63 -12.13
N VAL C 150 27.60 2.73 -12.96
CA VAL C 150 28.23 1.43 -13.17
C VAL C 150 28.59 1.30 -14.63
N LYS C 151 29.79 0.78 -14.89
CA LYS C 151 30.28 0.56 -16.25
C LYS C 151 30.67 -0.90 -16.39
N TRP C 152 30.24 -1.53 -17.48
CA TRP C 152 30.65 -2.90 -17.78
C TRP C 152 31.79 -2.86 -18.79
N LYS C 153 32.80 -3.71 -18.57
CA LYS C 153 33.89 -3.90 -19.51
C LYS C 153 34.04 -5.37 -19.79
N ILE C 154 34.13 -5.72 -21.07
CA ILE C 154 34.44 -7.08 -21.52
C ILE C 154 35.79 -7.04 -22.20
N ASP C 155 36.73 -7.86 -21.73
CA ASP C 155 38.09 -7.89 -22.27
C ASP C 155 38.68 -6.49 -22.32
N GLY C 156 38.31 -5.66 -21.35
CA GLY C 156 38.81 -4.30 -21.25
C GLY C 156 37.99 -3.23 -21.95
N SER C 157 37.01 -3.57 -22.77
CA SER C 157 36.29 -2.60 -23.59
C SER C 157 34.85 -2.38 -23.09
N GLU C 158 34.47 -1.12 -22.98
CA GLU C 158 33.16 -0.77 -22.45
C GLU C 158 32.04 -1.46 -23.23
N ARG C 159 31.08 -2.01 -22.49
CA ARG C 159 29.90 -2.65 -23.04
C ARG C 159 28.68 -1.96 -22.47
N GLN C 160 27.86 -1.37 -23.35
CA GLN C 160 26.65 -0.69 -22.92
C GLN C 160 25.37 -1.43 -23.27
N ASN C 161 25.33 -2.17 -24.38
CA ASN C 161 24.09 -2.83 -24.75
C ASN C 161 23.93 -4.13 -23.98
N GLY C 162 22.67 -4.48 -23.68
CA GLY C 162 22.36 -5.65 -22.91
C GLY C 162 22.41 -5.48 -21.42
N VAL C 163 22.47 -4.24 -20.92
CA VAL C 163 22.59 -3.97 -19.49
C VAL C 163 21.24 -3.53 -18.95
N LEU C 164 20.80 -4.15 -17.85
CA LEU C 164 19.57 -3.77 -17.15
C LEU C 164 19.92 -3.41 -15.70
N ASN C 165 19.43 -2.25 -15.25
CA ASN C 165 19.74 -1.71 -13.93
C ASN C 165 18.48 -1.55 -13.10
N SER C 166 18.60 -1.78 -11.81
CA SER C 166 17.52 -1.61 -10.83
C SER C 166 18.07 -1.02 -9.53
N GLU C 167 17.35 -0.07 -8.95
CA GLU C 167 17.73 0.67 -7.75
C GLU C 167 16.73 0.43 -6.63
N THR C 168 17.21 0.18 -5.41
CA THR C 168 16.29 0.09 -4.27
C THR C 168 15.92 1.48 -3.74
N ASP C 169 14.81 1.56 -3.00
CA ASP C 169 14.55 2.76 -2.22
C ASP C 169 15.43 2.77 -0.99
N GLN C 170 15.43 3.90 -0.29
CA GLN C 170 16.36 4.10 0.83
C GLN C 170 16.12 3.05 1.92
N ASP C 171 17.21 2.56 2.48
CA ASP C 171 17.11 1.49 3.48
C ASP C 171 16.57 2.04 4.79
N SER C 172 15.59 1.33 5.37
CA SER C 172 14.96 1.81 6.60
C SER C 172 15.85 1.64 7.84
N LYS C 173 16.95 0.88 7.76
CA LYS C 173 17.83 0.70 8.90
C LYS C 173 19.07 1.58 8.86
N ASP C 174 19.74 1.73 7.70
CA ASP C 174 20.97 2.52 7.65
C ASP C 174 20.93 3.67 6.66
N SER C 175 19.78 3.96 6.04
CA SER C 175 19.58 5.12 5.17
C SER C 175 20.45 5.08 3.90
N THR C 176 20.96 3.90 3.54
CA THR C 176 21.77 3.75 2.33
C THR C 176 20.89 3.36 1.14
N TYR C 177 21.53 3.26 -0.02
CA TYR C 177 20.92 2.84 -1.26
C TYR C 177 21.68 1.64 -1.83
N SER C 178 21.01 0.91 -2.71
CA SER C 178 21.64 -0.23 -3.35
C SER C 178 21.18 -0.29 -4.80
N MET C 179 22.01 -0.90 -5.64
CA MET C 179 21.74 -1.00 -7.06
C MET C 179 22.18 -2.37 -7.54
N SER C 180 21.45 -2.88 -8.53
CA SER C 180 21.79 -4.13 -9.18
C SER C 180 21.93 -3.88 -10.68
N SER C 181 22.96 -4.45 -11.29
CA SER C 181 23.17 -4.28 -12.72
C SER C 181 23.44 -5.64 -13.34
N THR C 182 22.75 -5.94 -14.43
CA THR C 182 22.84 -7.25 -15.08
C THR C 182 23.21 -7.09 -16.54
N LEU C 183 24.30 -7.70 -16.94
CA LEU C 183 24.73 -7.73 -18.33
C LEU C 183 24.36 -9.09 -18.90
N THR C 184 23.49 -9.10 -19.90
CA THR C 184 23.01 -10.34 -20.51
C THR C 184 23.55 -10.48 -21.93
N LEU C 185 24.18 -11.62 -22.18
CA LEU C 185 24.73 -12.01 -23.48
C LEU C 185 24.14 -13.35 -23.88
N THR C 186 24.42 -13.78 -25.11
CA THR C 186 24.16 -15.17 -25.43
C THR C 186 25.30 -16.03 -24.89
N LYS C 187 25.03 -17.32 -24.70
CA LYS C 187 26.11 -18.22 -24.32
C LYS C 187 27.27 -18.15 -25.30
N ASP C 188 26.97 -18.16 -26.61
CA ASP C 188 28.02 -18.07 -27.64
C ASP C 188 28.87 -16.81 -27.45
N GLU C 189 28.21 -15.66 -27.31
CA GLU C 189 28.91 -14.41 -27.10
C GLU C 189 29.76 -14.44 -25.84
N TYR C 190 29.19 -14.94 -24.74
CA TYR C 190 29.89 -14.96 -23.46
C TYR C 190 31.21 -15.72 -23.56
N GLU C 191 31.18 -16.87 -24.25
CA GLU C 191 32.35 -17.73 -24.34
C GLU C 191 33.37 -17.27 -25.39
N ARG C 192 33.10 -16.19 -26.13
CA ARG C 192 34.11 -15.60 -27.00
C ARG C 192 35.03 -14.65 -26.26
N HIS C 193 34.86 -14.50 -24.94
CA HIS C 193 35.59 -13.52 -24.17
C HIS C 193 36.01 -14.12 -22.84
N ASN C 194 36.94 -13.45 -22.17
CA ASN C 194 37.48 -13.97 -20.92
C ASN C 194 37.25 -13.04 -19.75
N SER C 195 37.62 -11.77 -19.84
CA SER C 195 37.56 -10.86 -18.71
C SER C 195 36.21 -10.14 -18.65
N TYR C 196 35.60 -10.12 -17.47
CA TYR C 196 34.30 -9.48 -17.26
C TYR C 196 34.37 -8.60 -16.02
N THR C 197 34.05 -7.32 -16.19
CA THR C 197 34.33 -6.31 -15.19
C THR C 197 33.15 -5.37 -15.00
N CYS C 198 32.74 -5.13 -13.75
CA CYS C 198 31.87 -4.00 -13.46
C CYS C 198 32.65 -2.99 -12.63
N GLU C 199 32.55 -1.73 -13.03
CA GLU C 199 33.26 -0.62 -12.42
C GLU C 199 32.24 0.35 -11.84
N ALA C 200 32.35 0.60 -10.54
CA ALA C 200 31.45 1.51 -9.84
C ALA C 200 32.15 2.83 -9.58
N THR C 201 31.49 3.93 -9.94
CA THR C 201 32.02 5.27 -9.77
C THR C 201 31.10 6.04 -8.83
N HIS C 202 31.66 6.56 -7.75
CA HIS C 202 30.85 7.09 -6.67
C HIS C 202 31.64 8.17 -5.95
N LYS C 203 30.94 9.15 -5.40
CA LYS C 203 31.54 10.24 -4.64
C LYS C 203 32.62 9.78 -3.67
N THR C 204 32.47 8.59 -3.07
CA THR C 204 33.37 8.18 -1.99
C THR C 204 34.77 7.80 -2.47
N SER C 205 34.96 7.57 -3.76
CA SER C 205 36.28 7.25 -4.25
C SER C 205 36.62 8.14 -5.42
N THR C 206 37.87 8.55 -5.48
CA THR C 206 38.31 9.38 -6.56
C THR C 206 38.67 8.55 -7.81
N SER C 207 38.81 7.23 -7.65
CA SER C 207 38.99 6.22 -8.67
C SER C 207 37.94 5.13 -8.51
N PRO C 208 37.54 4.45 -9.58
CA PRO C 208 36.40 3.54 -9.48
C PRO C 208 36.70 2.28 -8.70
N ILE C 209 35.64 1.71 -8.10
CA ILE C 209 35.71 0.40 -7.47
C ILE C 209 35.46 -0.65 -8.55
N VAL C 210 36.42 -1.55 -8.72
CA VAL C 210 36.40 -2.51 -9.83
C VAL C 210 36.29 -3.91 -9.26
N LYS C 211 35.33 -4.68 -9.75
CA LYS C 211 35.24 -6.11 -9.49
C LYS C 211 35.21 -6.86 -10.81
N SER C 212 35.93 -7.97 -10.87
CA SER C 212 36.17 -8.60 -12.16
C SER C 212 36.41 -10.09 -11.96
N PHE C 213 36.16 -10.85 -13.02
CA PHE C 213 36.53 -12.25 -13.05
C PHE C 213 36.94 -12.62 -14.46
N ASN C 214 37.64 -13.73 -14.58
CA ASN C 214 38.05 -14.29 -15.86
C ASN C 214 37.32 -15.60 -16.06
N ARG C 215 36.70 -15.76 -17.23
CA ARG C 215 35.90 -16.95 -17.48
C ARG C 215 36.73 -18.22 -17.39
N ALA C 216 38.04 -18.12 -17.65
CA ALA C 216 38.97 -19.25 -17.59
C ALA C 216 39.00 -19.88 -16.19
C1 GOL D . -18.63 18.80 11.61
O1 GOL D . -18.42 18.22 12.86
C2 GOL D . -18.83 17.63 10.61
O2 GOL D . -20.04 16.96 10.83
C3 GOL D . -18.68 18.30 9.19
O3 GOL D . -19.67 19.28 9.12
O16 TCE E . -4.79 11.28 -14.51
C14 TCE E . -4.66 12.23 -13.70
O15 TCE E . -3.73 13.08 -13.80
C5 TCE E . -5.66 12.38 -12.55
C2 TCE E . -7.07 12.60 -13.04
P TCE E . -7.79 10.89 -13.04
C3 TCE E . -9.23 10.65 -11.88
C6 TCE E . -9.98 9.52 -11.53
C8 TCE E . -10.01 9.83 -10.01
O10 TCE E . -11.00 9.45 -9.29
O9 TCE E . -9.01 10.54 -9.62
C1 TCE E . -7.15 9.79 -14.03
C4 TCE E . -7.50 8.43 -14.27
C11 TCE E . -8.00 8.22 -15.69
O12 TCE E . -8.61 9.19 -16.24
O13 TCE E . -7.78 7.12 -16.26
C1 GOL F . -12.22 27.08 10.21
O1 GOL F . -13.55 26.74 9.94
C2 GOL F . -12.36 27.88 11.49
O2 GOL F . -13.53 27.50 12.16
C3 GOL F . -11.06 27.57 12.28
O3 GOL F . -10.01 27.81 11.42
#